data_6UCZ
#
_entry.id   6UCZ
#
_cell.length_a   48.830
_cell.length_b   81.480
_cell.length_c   71.170
_cell.angle_alpha   90.000
_cell.angle_beta   102.670
_cell.angle_gamma   90.000
#
_symmetry.space_group_name_H-M   'P 1 21 1'
#
loop_
_entity.id
_entity.type
_entity.pdbx_description
1 polymer 'Dihydropteroate synthase'
2 non-polymer PTERIN-6-YL-METHYL-MONOPHOSPHATE
3 non-polymer 'CITRIC ACID'
4 non-polymer 'ACETATE ION'
5 non-polymer 'SODIUM ION'
6 non-polymer 1,2-ETHANEDIOL
7 water water
#
_entity_poly.entity_id   1
_entity_poly.type   'polypeptide(L)'
_entity_poly.pdbx_seq_one_letter_code
;MAHHHHHHMGTLEAQTQGPGSMLQHSAVTTKIVGILNVTPNSFSDGGKFLEANAAIRHATDLIEHGADVIDVGAESTAPG
VSPITQEEEWSRLKEVLPEIIRIAHNAHVEVSIDTRNAKTAELALKLGVDYINDQGGLLDPDMPAIAAASSAKIIIMHHF
GLPVSQDRSYVGQPEQLLNEIIEWLCSRVDTLIAQGVVRERIILDPGLGFGKLPEYSWYIAKNIGKLKKLGFPVCVGHSR
KSMFSLIPVELSERDVPTAMLSTFLAQQQVDFLRVHDVKLTGISIKIANLLV
;
_entity_poly.pdbx_strand_id   A,B
#
loop_
_chem_comp.id
_chem_comp.type
_chem_comp.name
_chem_comp.formula
ACT non-polymer 'ACETATE ION' 'C2 H3 O2 -1'
CIT non-polymer 'CITRIC ACID' 'C6 H8 O7'
EDO non-polymer 1,2-ETHANEDIOL 'C2 H6 O2'
NA non-polymer 'SODIUM ION' 'Na 1'
PMM non-polymer PTERIN-6-YL-METHYL-MONOPHOSPHATE 'C7 H8 N5 O5 P'
#
# COMPACT_ATOMS: atom_id res chain seq x y z
N VAL A 28 26.21 -20.11 12.19
CA VAL A 28 25.57 -19.15 11.28
C VAL A 28 24.86 -19.90 10.16
N THR A 29 23.53 -19.96 10.25
CA THR A 29 22.67 -20.69 9.33
C THR A 29 22.32 -19.91 8.05
N THR A 30 23.10 -18.88 7.71
CA THR A 30 22.75 -18.00 6.60
C THR A 30 22.75 -18.76 5.28
N LYS A 31 21.67 -18.61 4.50
CA LYS A 31 21.55 -19.27 3.22
C LYS A 31 21.96 -18.34 2.08
N ILE A 32 22.61 -18.90 1.07
CA ILE A 32 23.04 -18.17 -0.12
C ILE A 32 21.93 -18.26 -1.17
N VAL A 33 21.39 -17.10 -1.55
CA VAL A 33 20.38 -17.02 -2.61
C VAL A 33 21.09 -16.47 -3.84
N GLY A 34 21.38 -17.34 -4.79
CA GLY A 34 22.06 -16.93 -6.00
C GLY A 34 21.11 -16.29 -6.99
N ILE A 35 21.52 -15.15 -7.54
CA ILE A 35 20.68 -14.38 -8.45
C ILE A 35 20.82 -14.94 -9.86
N LEU A 36 19.68 -15.24 -10.48
CA LEU A 36 19.62 -15.75 -11.85
C LEU A 36 18.66 -14.83 -12.60
N ASN A 37 19.21 -13.88 -13.32
CA ASN A 37 18.43 -12.93 -14.09
C ASN A 37 18.26 -13.48 -15.50
N VAL A 38 17.00 -13.57 -15.96
CA VAL A 38 16.74 -14.04 -17.31
C VAL A 38 16.17 -12.94 -18.19
N THR A 39 16.28 -11.68 -17.77
CA THR A 39 15.93 -10.54 -18.62
C THR A 39 16.87 -10.46 -19.82
N GLU A 51 19.06 -16.10 -23.97
CA GLU A 51 19.05 -17.52 -24.30
C GLU A 51 18.73 -18.38 -23.08
N ALA A 52 17.81 -19.33 -23.28
CA ALA A 52 17.46 -20.28 -22.23
C ALA A 52 18.65 -21.14 -21.85
N ASN A 53 19.43 -21.57 -22.84
CA ASN A 53 20.58 -22.41 -22.58
C ASN A 53 21.59 -21.70 -21.68
N ALA A 54 21.75 -20.37 -21.86
CA ALA A 54 22.67 -19.64 -21.01
C ALA A 54 22.18 -19.59 -19.57
N ALA A 55 20.86 -19.46 -19.37
CA ALA A 55 20.33 -19.45 -18.01
C ALA A 55 20.56 -20.77 -17.31
N ILE A 56 20.41 -21.89 -18.04
CA ILE A 56 20.63 -23.21 -17.47
C ILE A 56 22.09 -23.37 -17.07
N ARG A 57 22.99 -22.86 -17.90
CA ARG A 57 24.41 -22.92 -17.57
C ARG A 57 24.72 -22.06 -16.35
N HIS A 58 24.12 -20.88 -16.26
CA HIS A 58 24.37 -20.06 -15.08
C HIS A 58 23.80 -20.72 -13.82
N ALA A 59 22.60 -21.27 -13.90
CA ALA A 59 22.03 -21.96 -12.75
C ALA A 59 22.92 -23.13 -12.32
N THR A 60 23.48 -23.86 -13.29
CA THR A 60 24.38 -24.96 -12.97
C THR A 60 25.62 -24.46 -12.25
N ASP A 61 26.19 -23.34 -12.72
CA ASP A 61 27.37 -22.80 -12.07
CA ASP A 61 27.38 -22.79 -12.07
C ASP A 61 27.06 -22.33 -10.65
N LEU A 62 25.88 -21.74 -10.45
CA LEU A 62 25.49 -21.29 -9.12
C LEU A 62 25.36 -22.47 -8.17
N ILE A 63 24.78 -23.57 -8.65
CA ILE A 63 24.67 -24.79 -7.86
C ILE A 63 26.05 -25.31 -7.45
N GLU A 64 26.95 -25.43 -8.42
CA GLU A 64 28.24 -26.04 -8.15
C GLU A 64 29.09 -25.18 -7.20
N HIS A 65 28.88 -23.88 -7.18
CA HIS A 65 29.63 -22.99 -6.29
C HIS A 65 28.97 -22.81 -4.95
N GLY A 66 27.90 -23.53 -4.64
CA GLY A 66 27.40 -23.62 -3.29
C GLY A 66 26.11 -22.86 -2.98
N ALA A 67 25.34 -22.46 -3.98
CA ALA A 67 24.07 -21.80 -3.71
C ALA A 67 23.14 -22.72 -2.95
N ASP A 68 22.44 -22.16 -1.97
CA ASP A 68 21.35 -22.84 -1.28
C ASP A 68 20.02 -22.68 -2.00
N VAL A 69 19.81 -21.53 -2.64
CA VAL A 69 18.61 -21.20 -3.38
C VAL A 69 19.03 -20.51 -4.67
N ILE A 70 18.31 -20.78 -5.77
CA ILE A 70 18.47 -20.04 -7.01
CA ILE A 70 18.46 -20.04 -7.02
C ILE A 70 17.24 -19.13 -7.17
N ASP A 71 17.48 -17.82 -7.21
CA ASP A 71 16.41 -16.83 -7.35
C ASP A 71 16.30 -16.44 -8.82
N VAL A 72 15.22 -16.87 -9.47
CA VAL A 72 15.03 -16.66 -10.90
C VAL A 72 14.11 -15.47 -11.12
N GLY A 73 14.59 -14.51 -11.90
CA GLY A 73 13.81 -13.31 -12.17
C GLY A 73 13.86 -12.89 -13.61
N ALA A 74 12.75 -12.37 -14.12
CA ALA A 74 12.64 -11.99 -15.52
C ALA A 74 12.27 -10.53 -15.73
N GLU A 75 12.06 -9.75 -14.67
CA GLU A 75 11.72 -8.34 -14.81
C GLU A 75 12.83 -7.51 -14.18
N SER A 76 13.61 -6.82 -15.02
CA SER A 76 14.61 -5.90 -14.51
C SER A 76 13.93 -4.78 -13.75
N THR A 77 14.38 -4.53 -12.53
CA THR A 77 13.83 -3.48 -11.70
C THR A 77 14.78 -2.29 -11.61
N ALA A 78 15.81 -2.28 -12.47
CA ALA A 78 16.81 -1.21 -12.51
C ALA A 78 16.13 0.13 -12.80
N PRO A 79 16.78 1.25 -12.42
CA PRO A 79 16.09 2.55 -12.48
C PRO A 79 15.56 2.94 -13.84
N GLY A 80 16.30 2.70 -14.92
CA GLY A 80 15.79 3.12 -16.21
C GLY A 80 14.85 2.16 -16.91
N VAL A 81 14.57 1.00 -16.33
CA VAL A 81 13.81 -0.05 -17.02
C VAL A 81 12.32 0.23 -16.91
N SER A 82 11.62 0.21 -18.07
CA SER A 82 10.16 0.25 -18.06
C SER A 82 9.61 -1.15 -17.82
N PRO A 83 8.53 -1.29 -17.05
CA PRO A 83 8.05 -2.63 -16.68
C PRO A 83 7.47 -3.41 -17.86
N ILE A 84 7.63 -4.72 -17.81
CA ILE A 84 7.02 -5.63 -18.77
C ILE A 84 5.71 -6.15 -18.20
N THR A 85 4.88 -6.74 -19.06
CA THR A 85 3.64 -7.38 -18.63
C THR A 85 3.91 -8.71 -17.96
N GLN A 86 2.94 -9.16 -17.16
CA GLN A 86 3.05 -10.48 -16.55
C GLN A 86 3.18 -11.57 -17.61
N GLU A 87 2.50 -11.40 -18.75
CA GLU A 87 2.54 -12.41 -19.80
C GLU A 87 3.93 -12.49 -20.44
N GLU A 88 4.51 -11.33 -20.76
CA GLU A 88 5.88 -11.31 -21.26
C GLU A 88 6.83 -11.88 -20.23
N GLU A 89 6.64 -11.54 -18.95
CA GLU A 89 7.47 -12.08 -17.89
C GLU A 89 7.44 -13.60 -17.90
N TRP A 90 6.23 -14.17 -18.01
CA TRP A 90 6.10 -15.63 -17.93
C TRP A 90 6.69 -16.31 -19.15
N SER A 91 6.55 -15.71 -20.34
CA SER A 91 7.14 -16.35 -21.52
C SER A 91 8.66 -16.45 -21.44
N ARG A 92 9.32 -15.53 -20.70
CA ARG A 92 10.76 -15.68 -20.51
C ARG A 92 11.09 -16.79 -19.54
N LEU A 93 10.22 -17.03 -18.57
CA LEU A 93 10.52 -17.96 -17.49
C LEU A 93 10.16 -19.40 -17.84
N LYS A 94 9.10 -19.62 -18.63
CA LYS A 94 8.56 -20.97 -18.80
C LYS A 94 9.51 -21.88 -19.57
N GLU A 95 10.44 -21.30 -20.35
CA GLU A 95 11.39 -22.12 -21.10
C GLU A 95 12.54 -22.60 -20.23
N VAL A 96 12.87 -21.86 -19.17
CA VAL A 96 14.03 -22.18 -18.36
C VAL A 96 13.66 -22.77 -17.00
N LEU A 97 12.51 -22.40 -16.45
CA LEU A 97 12.19 -22.75 -15.07
C LEU A 97 12.04 -24.26 -14.84
N PRO A 98 11.44 -25.05 -15.74
CA PRO A 98 11.41 -26.51 -15.48
C PRO A 98 12.78 -27.15 -15.36
N GLU A 99 13.73 -26.80 -16.24
CA GLU A 99 15.05 -27.40 -16.15
C GLU A 99 15.81 -26.91 -14.93
N ILE A 100 15.70 -25.61 -14.61
CA ILE A 100 16.35 -25.06 -13.42
C ILE A 100 15.82 -25.75 -12.18
N ILE A 101 14.51 -25.96 -12.11
CA ILE A 101 13.92 -26.63 -10.95
C ILE A 101 14.43 -28.08 -10.86
N ARG A 102 14.50 -28.77 -12.00
CA ARG A 102 14.97 -30.16 -11.99
C ARG A 102 16.43 -30.23 -11.56
N ILE A 103 17.27 -29.37 -12.14
CA ILE A 103 18.69 -29.42 -11.83
C ILE A 103 18.94 -29.00 -10.39
N ALA A 104 18.24 -27.96 -9.92
CA ALA A 104 18.42 -27.51 -8.55
C ALA A 104 17.94 -28.57 -7.55
N HIS A 105 16.73 -29.09 -7.74
CA HIS A 105 16.20 -30.05 -6.78
C HIS A 105 17.03 -31.32 -6.77
N ASN A 106 17.53 -31.75 -7.94
CA ASN A 106 18.43 -32.90 -8.01
C ASN A 106 19.65 -32.68 -7.11
N ALA A 107 20.08 -31.43 -6.95
CA ALA A 107 21.22 -31.08 -6.13
C ALA A 107 20.83 -30.63 -4.74
N HIS A 108 19.56 -30.78 -4.37
CA HIS A 108 19.05 -30.36 -3.06
C HIS A 108 19.24 -28.86 -2.87
N VAL A 109 19.04 -28.11 -3.95
CA VAL A 109 19.05 -26.65 -3.95
C VAL A 109 17.62 -26.18 -4.22
N GLU A 110 17.19 -25.15 -3.50
CA GLU A 110 15.84 -24.65 -3.69
C GLU A 110 15.78 -23.62 -4.82
N VAL A 111 14.56 -23.31 -5.25
CA VAL A 111 14.33 -22.34 -6.31
C VAL A 111 13.34 -21.30 -5.81
N SER A 112 13.63 -20.03 -6.09
CA SER A 112 12.80 -18.89 -5.73
C SER A 112 12.34 -18.18 -7.01
N ILE A 113 11.10 -17.71 -7.03
CA ILE A 113 10.61 -16.93 -8.16
C ILE A 113 10.56 -15.47 -7.76
N ASP A 114 11.38 -14.64 -8.42
CA ASP A 114 11.45 -13.21 -8.11
C ASP A 114 10.44 -12.53 -9.02
N THR A 115 9.29 -12.19 -8.47
CA THR A 115 8.23 -11.58 -9.27
C THR A 115 7.37 -10.71 -8.36
N ARG A 116 6.76 -9.70 -8.95
CA ARG A 116 5.72 -8.94 -8.28
C ARG A 116 4.31 -9.39 -8.67
N ASN A 117 4.17 -10.35 -9.59
CA ASN A 117 2.88 -10.75 -10.17
C ASN A 117 2.41 -12.09 -9.60
N ALA A 118 1.20 -12.10 -9.03
CA ALA A 118 0.69 -13.32 -8.41
C ALA A 118 0.55 -14.47 -9.42
N LYS A 119 0.14 -14.16 -10.65
CA LYS A 119 -0.01 -15.20 -11.66
C LYS A 119 1.31 -15.87 -11.97
N THR A 120 2.38 -15.10 -12.07
CA THR A 120 3.69 -15.69 -12.30
C THR A 120 4.10 -16.56 -11.13
N ALA A 121 3.87 -16.09 -9.90
CA ALA A 121 4.17 -16.92 -8.74
C ALA A 121 3.37 -18.21 -8.77
N GLU A 122 2.09 -18.13 -9.15
CA GLU A 122 1.24 -19.31 -9.22
C GLU A 122 1.75 -20.30 -10.26
N LEU A 123 2.13 -19.80 -11.44
CA LEU A 123 2.63 -20.71 -12.47
C LEU A 123 3.96 -21.33 -12.06
N ALA A 124 4.84 -20.52 -11.47
CA ALA A 124 6.12 -21.04 -11.01
C ALA A 124 5.91 -22.06 -9.90
N LEU A 125 4.96 -21.80 -9.00
CA LEU A 125 4.67 -22.74 -7.92
C LEU A 125 4.17 -24.07 -8.47
N LYS A 126 3.34 -24.02 -9.52
CA LYS A 126 2.91 -25.27 -10.14
C LYS A 126 4.09 -26.03 -10.73
N LEU A 127 5.13 -25.32 -11.19
CA LEU A 127 6.30 -26.03 -11.71
C LEU A 127 7.15 -26.62 -10.59
N GLY A 128 6.98 -26.14 -9.35
CA GLY A 128 7.67 -26.72 -8.23
C GLY A 128 8.65 -25.84 -7.49
N VAL A 129 8.58 -24.51 -7.67
CA VAL A 129 9.52 -23.65 -6.92
C VAL A 129 9.17 -23.68 -5.44
N ASP A 130 10.16 -23.32 -4.63
CA ASP A 130 10.09 -23.40 -3.18
C ASP A 130 9.78 -22.08 -2.51
N TYR A 131 10.11 -20.95 -3.13
CA TYR A 131 9.88 -19.63 -2.56
C TYR A 131 9.20 -18.73 -3.57
N ILE A 132 8.30 -17.88 -3.09
CA ILE A 132 7.98 -16.65 -3.79
C ILE A 132 8.86 -15.54 -3.24
N ASN A 133 9.67 -14.94 -4.08
CA ASN A 133 10.41 -13.74 -3.69
C ASN A 133 9.57 -12.56 -4.18
N ASP A 134 8.60 -12.16 -3.35
CA ASP A 134 7.63 -11.14 -3.75
C ASP A 134 8.27 -9.78 -3.61
N GLN A 135 8.98 -9.38 -4.67
CA GLN A 135 9.65 -8.08 -4.66
C GLN A 135 8.65 -6.93 -4.61
N GLY A 136 7.37 -7.18 -4.91
CA GLY A 136 6.37 -6.16 -4.78
C GLY A 136 5.78 -6.02 -3.40
N GLY A 137 6.06 -6.97 -2.51
CA GLY A 137 5.53 -6.89 -1.16
C GLY A 137 4.01 -6.79 -1.14
N LEU A 138 3.34 -7.72 -1.81
CA LEU A 138 1.87 -7.74 -1.92
C LEU A 138 1.36 -6.53 -2.69
N LEU A 139 2.16 -6.01 -3.61
CA LEU A 139 1.66 -5.02 -4.55
C LEU A 139 0.54 -5.64 -5.39
N ASP A 140 0.69 -6.90 -5.77
CA ASP A 140 -0.42 -7.66 -6.36
C ASP A 140 -1.35 -8.13 -5.25
N PRO A 141 -2.60 -7.66 -5.20
CA PRO A 141 -3.50 -8.07 -4.09
C PRO A 141 -3.84 -9.54 -4.08
N ASP A 142 -3.58 -10.27 -5.16
CA ASP A 142 -3.80 -11.72 -5.20
C ASP A 142 -2.61 -12.51 -4.68
N MET A 143 -1.50 -11.84 -4.37
CA MET A 143 -0.34 -12.59 -3.90
C MET A 143 -0.63 -13.38 -2.63
N PRO A 144 -1.32 -12.85 -1.62
CA PRO A 144 -1.57 -13.66 -0.41
C PRO A 144 -2.35 -14.94 -0.67
N ALA A 145 -3.35 -14.90 -1.54
CA ALA A 145 -4.11 -16.11 -1.84
C ALA A 145 -3.22 -17.17 -2.49
N ILE A 146 -2.32 -16.74 -3.39
CA ILE A 146 -1.40 -17.67 -4.05
C ILE A 146 -0.46 -18.30 -3.03
N ALA A 147 0.13 -17.48 -2.15
CA ALA A 147 1.06 -18.04 -1.17
C ALA A 147 0.35 -19.00 -0.22
N ALA A 148 -0.86 -18.63 0.23
CA ALA A 148 -1.57 -19.47 1.18
C ALA A 148 -1.99 -20.78 0.56
N ALA A 149 -2.46 -20.75 -0.69
CA ALA A 149 -2.95 -21.96 -1.33
C ALA A 149 -1.82 -22.84 -1.85
N SER A 150 -0.57 -22.47 -1.60
CA SER A 150 0.56 -23.23 -2.10
C SER A 150 1.52 -23.65 -1.01
N SER A 151 1.34 -23.19 0.23
CA SER A 151 2.19 -23.54 1.36
C SER A 151 3.63 -23.06 1.16
N ALA A 152 3.88 -22.23 0.16
CA ALA A 152 5.21 -21.76 -0.16
C ALA A 152 5.75 -20.82 0.91
N LYS A 153 7.08 -20.76 0.98
CA LYS A 153 7.71 -19.68 1.73
C LYS A 153 7.67 -18.43 0.87
N ILE A 154 7.56 -17.27 1.53
CA ILE A 154 7.45 -16.02 0.78
C ILE A 154 8.31 -14.93 1.39
N ILE A 155 9.11 -14.28 0.54
CA ILE A 155 9.82 -13.06 0.90
C ILE A 155 8.99 -11.87 0.46
N ILE A 156 8.76 -10.91 1.37
CA ILE A 156 8.15 -9.63 1.03
C ILE A 156 9.20 -8.55 1.22
N MET A 157 9.39 -7.72 0.20
CA MET A 157 10.47 -6.72 0.16
C MET A 157 9.89 -5.31 0.22
N HIS A 158 10.49 -4.45 1.07
CA HIS A 158 10.03 -3.07 1.16
C HIS A 158 10.46 -2.25 -0.04
N HIS A 159 9.56 -1.38 -0.53
CA HIS A 159 9.88 -0.42 -1.57
C HIS A 159 8.99 0.81 -1.47
N PHE A 160 9.43 1.89 -2.13
CA PHE A 160 8.65 3.13 -2.31
C PHE A 160 8.01 3.18 -3.69
N GLY A 161 7.49 2.06 -4.15
CA GLY A 161 6.88 1.92 -5.45
C GLY A 161 7.85 1.33 -6.46
N LEU A 162 7.29 0.56 -7.40
CA LEU A 162 8.07 -0.04 -8.46
C LEU A 162 7.50 0.39 -9.82
N PRO A 163 8.36 0.79 -10.77
CA PRO A 163 9.82 0.86 -10.68
C PRO A 163 10.29 1.94 -9.72
N VAL A 164 11.60 1.99 -9.46
CA VAL A 164 12.12 2.99 -8.55
C VAL A 164 12.17 4.34 -9.27
N SER A 165 12.20 5.40 -8.49
CA SER A 165 12.15 6.74 -9.03
C SER A 165 12.79 7.69 -8.04
N GLN A 166 13.58 8.66 -8.54
CA GLN A 166 14.18 9.62 -7.64
C GLN A 166 13.14 10.54 -7.02
N ASP A 167 11.92 10.56 -7.58
CA ASP A 167 10.80 11.28 -6.99
C ASP A 167 10.23 10.55 -5.79
N ARG A 168 10.51 9.25 -5.65
CA ARG A 168 9.99 8.43 -4.55
C ARG A 168 11.18 7.90 -3.77
N SER A 169 11.74 8.76 -2.92
CA SER A 169 12.95 8.46 -2.18
C SER A 169 12.85 9.03 -0.78
N TYR A 170 13.36 8.31 0.21
CA TYR A 170 13.19 8.71 1.60
C TYR A 170 14.15 9.84 1.93
N VAL A 171 13.64 10.82 2.67
CA VAL A 171 14.39 11.94 3.20
C VAL A 171 13.97 12.11 4.66
N GLY A 172 14.92 12.42 5.54
CA GLY A 172 14.59 12.57 6.94
C GLY A 172 15.50 11.73 7.81
N GLN A 173 15.08 11.52 9.05
CA GLN A 173 15.89 10.81 10.04
C GLN A 173 16.00 9.33 9.70
N PRO A 174 17.20 8.75 9.74
CA PRO A 174 17.33 7.33 9.39
C PRO A 174 16.56 6.41 10.31
N GLU A 175 16.51 6.68 11.61
CA GLU A 175 15.74 5.83 12.51
C GLU A 175 14.26 5.79 12.11
N GLN A 176 13.70 6.93 11.71
CA GLN A 176 12.30 6.96 11.30
C GLN A 176 12.08 6.13 10.04
N LEU A 177 13.06 6.10 9.12
CA LEU A 177 12.95 5.23 7.96
C LEU A 177 12.85 3.76 8.37
N LEU A 178 13.68 3.33 9.32
CA LEU A 178 13.64 1.94 9.76
C LEU A 178 12.30 1.60 10.41
N ASN A 179 11.78 2.54 11.21
CA ASN A 179 10.46 2.34 11.81
C ASN A 179 9.38 2.24 10.76
N GLU A 180 9.47 3.04 9.69
CA GLU A 180 8.48 2.98 8.62
C GLU A 180 8.56 1.67 7.86
N ILE A 181 9.77 1.20 7.58
CA ILE A 181 9.92 -0.08 6.89
C ILE A 181 9.30 -1.19 7.71
N ILE A 182 9.52 -1.17 9.03
CA ILE A 182 8.98 -2.22 9.89
C ILE A 182 7.46 -2.18 9.90
N GLU A 183 6.87 -0.99 9.99
CA GLU A 183 5.41 -0.90 9.98
C GLU A 183 4.84 -1.36 8.65
N TRP A 184 5.48 -0.98 7.54
CA TRP A 184 5.02 -1.38 6.22
C TRP A 184 5.04 -2.91 6.09
N LEU A 185 6.15 -3.54 6.50
CA LEU A 185 6.27 -4.99 6.47
C LEU A 185 5.26 -5.66 7.39
N CYS A 186 5.08 -5.11 8.60
CA CYS A 186 4.18 -5.73 9.56
C CYS A 186 2.74 -5.72 9.08
N SER A 187 2.33 -4.65 8.37
CA SER A 187 1.00 -4.62 7.78
C SER A 187 0.82 -5.74 6.77
N ARG A 188 1.87 -6.04 6.00
CA ARG A 188 1.80 -7.10 4.99
C ARG A 188 1.85 -8.49 5.61
N VAL A 189 2.65 -8.65 6.67
CA VAL A 189 2.61 -9.88 7.45
C VAL A 189 1.19 -10.18 7.91
N ASP A 190 0.52 -9.15 8.44
CA ASP A 190 -0.86 -9.33 8.92
C ASP A 190 -1.77 -9.76 7.79
N THR A 191 -1.62 -9.14 6.61
CA THR A 191 -2.45 -9.54 5.48
C THR A 191 -2.25 -11.01 5.13
N LEU A 192 -0.99 -11.45 5.08
CA LEU A 192 -0.70 -12.84 4.74
C LEU A 192 -1.31 -13.82 5.74
N ILE A 193 -1.09 -13.58 7.03
CA ILE A 193 -1.60 -14.48 8.06
C ILE A 193 -3.11 -14.52 8.04
N ALA A 194 -3.76 -13.37 7.88
CA ALA A 194 -5.22 -13.35 7.83
C ALA A 194 -5.75 -14.14 6.64
N GLN A 195 -4.98 -14.22 5.55
CA GLN A 195 -5.41 -14.92 4.35
C GLN A 195 -4.91 -16.35 4.31
N GLY A 196 -4.34 -16.85 5.40
CA GLY A 196 -4.02 -18.25 5.54
C GLY A 196 -2.57 -18.63 5.32
N VAL A 197 -1.64 -17.67 5.32
CA VAL A 197 -0.22 -17.98 5.22
C VAL A 197 0.33 -18.24 6.61
N VAL A 198 0.99 -19.39 6.80
CA VAL A 198 1.55 -19.73 8.09
C VAL A 198 2.68 -18.78 8.44
N ARG A 199 2.76 -18.41 9.72
CA ARG A 199 3.66 -17.35 10.16
C ARG A 199 5.12 -17.72 9.92
N GLU A 200 5.46 -19.00 10.10
CA GLU A 200 6.84 -19.46 9.91
C GLU A 200 7.32 -19.35 8.47
N ARG A 201 6.42 -19.28 7.50
CA ARG A 201 6.84 -19.24 6.10
C ARG A 201 7.10 -17.84 5.56
N ILE A 202 7.00 -16.79 6.39
CA ILE A 202 7.13 -15.41 5.92
C ILE A 202 8.53 -14.91 6.21
N ILE A 203 9.17 -14.29 5.20
CA ILE A 203 10.53 -13.76 5.29
C ILE A 203 10.49 -12.28 4.94
N LEU A 204 11.22 -11.46 5.71
CA LEU A 204 11.17 -10.00 5.56
C LEU A 204 12.46 -9.47 4.95
N ASP A 205 12.33 -8.53 4.01
CA ASP A 205 13.47 -7.95 3.30
C ASP A 205 13.28 -6.44 3.25
N PRO A 206 14.25 -5.64 3.74
CA PRO A 206 14.07 -4.18 3.75
C PRO A 206 14.21 -3.51 2.39
N GLY A 207 14.59 -4.23 1.34
CA GLY A 207 14.71 -3.61 0.03
C GLY A 207 15.76 -2.52 -0.05
N LEU A 208 17.01 -2.88 0.22
CA LEU A 208 18.10 -1.92 0.11
C LEU A 208 18.14 -1.31 -1.29
N GLY A 209 18.35 0.00 -1.36
CA GLY A 209 18.37 0.68 -2.63
C GLY A 209 17.01 1.07 -3.20
N PHE A 210 15.91 0.46 -2.77
CA PHE A 210 14.60 0.76 -3.35
C PHE A 210 14.05 2.04 -2.71
N GLY A 211 14.29 3.16 -3.38
CA GLY A 211 13.96 4.45 -2.81
C GLY A 211 14.79 4.83 -1.61
N LYS A 212 15.97 4.24 -1.47
CA LYS A 212 16.82 4.43 -0.30
C LYS A 212 18.21 4.82 -0.80
N LEU A 213 18.59 6.07 -0.53
CA LEU A 213 19.89 6.55 -0.93
C LEU A 213 20.98 5.77 -0.20
N PRO A 214 22.20 5.77 -0.74
CA PRO A 214 23.26 4.94 -0.11
C PRO A 214 23.41 5.07 1.39
N GLU A 215 23.42 6.30 1.94
CA GLU A 215 23.54 6.47 3.38
C GLU A 215 22.45 5.73 4.13
N TYR A 216 21.20 5.78 3.63
CA TYR A 216 20.11 5.10 4.32
C TYR A 216 20.23 3.58 4.19
N SER A 217 20.66 3.09 3.03
CA SER A 217 20.84 1.64 2.86
C SER A 217 21.91 1.10 3.78
N TRP A 218 23.00 1.85 3.98
CA TRP A 218 24.01 1.41 4.95
C TRP A 218 23.45 1.44 6.37
N TYR A 219 22.68 2.47 6.70
CA TYR A 219 22.07 2.56 8.03
C TYR A 219 21.21 1.33 8.32
N ILE A 220 20.41 0.90 7.34
CA ILE A 220 19.55 -0.27 7.52
C ILE A 220 20.39 -1.52 7.71
N ALA A 221 21.37 -1.74 6.84
CA ALA A 221 22.26 -2.89 6.97
C ALA A 221 22.91 -2.91 8.35
N LYS A 222 23.44 -1.75 8.79
CA LYS A 222 24.11 -1.71 10.09
C LYS A 222 23.15 -2.09 11.21
N ASN A 223 21.87 -1.74 11.07
CA ASN A 223 20.88 -1.95 12.12
C ASN A 223 19.93 -3.10 11.78
N ILE A 224 20.40 -4.07 10.99
CA ILE A 224 19.53 -5.15 10.54
C ILE A 224 19.01 -5.98 11.71
N GLY A 225 19.73 -5.98 12.83
CA GLY A 225 19.26 -6.68 14.03
C GLY A 225 17.92 -6.18 14.53
N LYS A 226 17.62 -4.89 14.35
CA LYS A 226 16.31 -4.39 14.76
C LYS A 226 15.18 -4.99 13.94
N LEU A 227 15.41 -5.22 12.64
CA LEU A 227 14.42 -5.95 11.86
C LEU A 227 14.35 -7.42 12.29
N LYS A 228 15.51 -8.01 12.60
CA LYS A 228 15.55 -9.40 13.05
C LYS A 228 14.79 -9.59 14.36
N LYS A 229 14.74 -8.56 15.21
CA LYS A 229 14.08 -8.67 16.51
C LYS A 229 12.58 -8.87 16.37
N LEU A 230 12.03 -8.73 15.17
CA LEU A 230 10.62 -9.00 14.95
C LEU A 230 10.31 -10.49 15.05
N GLY A 231 11.33 -11.35 14.96
CA GLY A 231 11.14 -12.78 15.09
C GLY A 231 10.97 -13.54 13.79
N PHE A 232 10.94 -12.85 12.66
CA PHE A 232 10.86 -13.44 11.33
C PHE A 232 12.24 -13.57 10.71
N PRO A 233 12.46 -14.59 9.89
CA PRO A 233 13.68 -14.63 9.09
C PRO A 233 13.78 -13.41 8.18
N VAL A 234 15.01 -12.99 7.92
CA VAL A 234 15.31 -11.79 7.16
C VAL A 234 16.12 -12.16 5.93
N CYS A 235 15.79 -11.53 4.80
CA CYS A 235 16.57 -11.59 3.57
C CYS A 235 17.14 -10.22 3.28
N VAL A 236 18.41 -10.15 2.88
CA VAL A 236 19.02 -8.88 2.50
C VAL A 236 19.61 -9.01 1.10
N GLY A 237 19.26 -8.05 0.23
CA GLY A 237 19.82 -8.00 -1.12
C GLY A 237 20.69 -6.79 -1.34
N HIS A 238 21.95 -6.90 -0.92
CA HIS A 238 22.92 -5.80 -1.00
C HIS A 238 23.82 -5.91 -2.21
N SER A 239 23.79 -7.04 -2.92
CA SER A 239 24.83 -7.39 -3.87
C SER A 239 24.92 -6.40 -5.03
N ARG A 240 26.09 -5.77 -5.19
CA ARG A 240 26.40 -4.85 -6.28
C ARG A 240 25.51 -3.60 -6.27
N LYS A 241 24.78 -3.34 -5.19
CA LYS A 241 23.81 -2.24 -5.18
C LYS A 241 24.50 -0.88 -5.15
N SER A 242 23.77 0.15 -5.59
CA SER A 242 24.36 1.47 -5.70
C SER A 242 24.80 2.02 -4.34
N MET A 243 24.33 1.42 -3.23
CA MET A 243 24.85 1.82 -1.93
C MET A 243 26.39 1.77 -1.89
N PHE A 244 27.00 0.91 -2.70
CA PHE A 244 28.45 0.86 -2.74
C PHE A 244 29.07 2.02 -3.49
N SER A 245 28.27 2.88 -4.13
CA SER A 245 28.85 4.09 -4.70
C SER A 245 29.37 5.03 -3.62
N LEU A 246 28.93 4.84 -2.38
CA LEU A 246 29.32 5.70 -1.27
C LEU A 246 30.77 5.42 -0.85
N ILE A 247 31.13 4.15 -0.72
CA ILE A 247 32.52 3.73 -0.85
C ILE A 247 32.82 3.85 -2.33
N PRO A 248 33.48 4.86 -2.81
CA PRO A 248 33.73 4.92 -4.25
C PRO A 248 34.21 3.56 -4.78
N VAL A 249 33.25 2.69 -5.09
CA VAL A 249 33.48 1.42 -5.77
C VAL A 249 32.50 1.34 -6.93
N GLU A 250 33.02 1.38 -8.16
CA GLU A 250 32.17 1.31 -9.34
C GLU A 250 31.56 -0.08 -9.51
N LEU A 251 30.46 -0.11 -10.25
CA LEU A 251 29.62 -1.30 -10.36
C LEU A 251 30.41 -2.57 -10.72
N SER A 252 31.37 -2.46 -11.64
CA SER A 252 32.02 -3.66 -12.12
C SER A 252 32.94 -4.32 -11.10
N GLU A 253 33.28 -3.62 -10.02
CA GLU A 253 34.22 -4.13 -9.02
C GLU A 253 33.54 -4.38 -7.67
N ARG A 254 32.22 -4.58 -7.66
CA ARG A 254 31.51 -4.56 -6.39
C ARG A 254 31.38 -5.91 -5.70
N ASP A 255 31.78 -7.01 -6.35
CA ASP A 255 31.57 -8.32 -5.74
C ASP A 255 32.42 -8.49 -4.47
N VAL A 256 33.66 -8.03 -4.47
CA VAL A 256 34.50 -8.16 -3.28
C VAL A 256 33.97 -7.25 -2.16
N PRO A 257 33.70 -5.95 -2.41
CA PRO A 257 33.02 -5.17 -1.36
C PRO A 257 31.70 -5.77 -0.89
N THR A 258 30.93 -6.37 -1.79
CA THR A 258 29.70 -7.04 -1.37
C THR A 258 30.00 -8.13 -0.35
N ALA A 259 31.03 -8.92 -0.62
CA ALA A 259 31.41 -10.02 0.28
C ALA A 259 31.86 -9.51 1.64
N MET A 260 32.50 -8.33 1.70
CA MET A 260 32.86 -7.76 2.99
C MET A 260 31.63 -7.46 3.83
N LEU A 261 30.59 -6.90 3.21
CA LEU A 261 29.33 -6.69 3.94
C LEU A 261 28.62 -8.01 4.21
N SER A 262 28.68 -8.96 3.26
CA SER A 262 28.09 -10.28 3.49
C SER A 262 28.58 -10.89 4.79
N THR A 263 29.88 -10.77 5.08
CA THR A 263 30.42 -11.32 6.32
C THR A 263 29.73 -10.70 7.53
N PHE A 264 29.58 -9.37 7.53
CA PHE A 264 28.91 -8.68 8.63
C PHE A 264 27.46 -9.15 8.76
N LEU A 265 26.74 -9.19 7.65
CA LEU A 265 25.34 -9.60 7.69
C LEU A 265 25.20 -11.03 8.20
N ALA A 266 26.09 -11.93 7.76
CA ALA A 266 26.06 -13.30 8.28
C ALA A 266 26.29 -13.32 9.78
N GLN A 267 27.19 -12.46 10.29
CA GLN A 267 27.43 -12.38 11.73
C GLN A 267 26.20 -11.92 12.50
N GLN A 268 25.35 -11.08 11.88
CA GLN A 268 24.08 -10.65 12.47
C GLN A 268 22.97 -11.70 12.32
N GLN A 269 23.30 -12.90 11.85
CA GLN A 269 22.35 -14.00 11.67
C GLN A 269 21.25 -13.68 10.66
N VAL A 270 21.58 -12.88 9.64
CA VAL A 270 20.64 -12.67 8.55
C VAL A 270 20.41 -14.00 7.85
N ASP A 271 19.14 -14.33 7.60
CA ASP A 271 18.81 -15.71 7.21
C ASP A 271 19.06 -15.98 5.74
N PHE A 272 18.95 -14.96 4.89
CA PHE A 272 19.15 -15.14 3.46
C PHE A 272 19.94 -13.97 2.92
N LEU A 273 20.94 -14.25 2.07
CA LEU A 273 21.67 -13.20 1.36
C LEU A 273 21.47 -13.42 -0.14
N ARG A 274 20.94 -12.41 -0.82
CA ARG A 274 20.65 -12.47 -2.25
C ARG A 274 21.82 -11.83 -2.99
N VAL A 275 22.60 -12.64 -3.69
CA VAL A 275 23.92 -12.24 -4.14
C VAL A 275 24.16 -12.71 -5.56
N HIS A 276 25.06 -12.00 -6.25
CA HIS A 276 25.50 -12.44 -7.58
C HIS A 276 26.63 -13.46 -7.48
N ASP A 277 27.63 -13.21 -6.65
CA ASP A 277 28.80 -14.08 -6.55
C ASP A 277 28.61 -15.03 -5.38
N VAL A 278 28.24 -16.28 -5.70
CA VAL A 278 27.93 -17.28 -4.70
C VAL A 278 29.21 -17.81 -4.03
N LYS A 279 30.30 -17.94 -4.80
CA LYS A 279 31.57 -18.40 -4.24
C LYS A 279 32.07 -17.46 -3.15
N LEU A 280 32.13 -16.16 -3.44
CA LEU A 280 32.59 -15.21 -2.43
C LEU A 280 31.67 -15.20 -1.22
N THR A 281 30.36 -15.34 -1.44
CA THR A 281 29.43 -15.32 -0.32
C THR A 281 29.63 -16.55 0.57
N GLY A 282 29.92 -17.70 -0.03
CA GLY A 282 30.25 -18.86 0.77
C GLY A 282 31.45 -18.60 1.66
N ILE A 283 32.48 -17.94 1.11
CA ILE A 283 33.65 -17.57 1.91
C ILE A 283 33.25 -16.62 3.03
N SER A 284 32.39 -15.64 2.73
CA SER A 284 31.98 -14.69 3.76
CA SER A 284 31.94 -14.69 3.76
C SER A 284 31.27 -15.40 4.92
N ILE A 285 30.46 -16.42 4.61
CA ILE A 285 29.71 -17.09 5.67
C ILE A 285 30.62 -17.97 6.49
N LYS A 286 31.57 -18.66 5.84
CA LYS A 286 32.53 -19.46 6.57
C LYS A 286 33.36 -18.61 7.51
N ILE A 287 33.73 -17.39 7.09
CA ILE A 287 34.48 -16.50 7.97
C ILE A 287 33.62 -16.09 9.15
N ALA A 288 32.36 -15.74 8.89
CA ALA A 288 31.45 -15.41 10.00
C ALA A 288 31.34 -16.57 10.98
N ASN A 289 31.26 -17.80 10.47
CA ASN A 289 31.21 -18.97 11.35
C ASN A 289 32.44 -19.08 12.22
N LEU A 290 33.61 -18.73 11.69
CA LEU A 290 34.83 -18.82 12.48
C LEU A 290 34.95 -17.69 13.49
N LEU A 291 34.09 -16.69 13.42
CA LEU A 291 34.09 -15.57 14.35
C LEU A 291 33.05 -15.74 15.44
N VAL A 292 32.35 -16.87 15.46
CA VAL A 292 31.38 -17.20 16.49
C VAL A 292 32.11 -17.86 17.65
N VAL B 28 -32.05 22.30 3.84
CA VAL B 28 -31.19 21.12 3.84
C VAL B 28 -29.72 21.52 3.71
N THR B 29 -28.98 21.32 4.79
CA THR B 29 -27.59 21.73 4.86
C THR B 29 -26.62 20.79 4.14
N THR B 30 -27.10 19.84 3.33
CA THR B 30 -26.22 18.79 2.79
C THR B 30 -25.26 19.35 1.74
N LYS B 31 -23.97 19.15 1.94
CA LYS B 31 -22.95 19.57 0.99
C LYS B 31 -22.50 18.40 0.13
N ILE B 32 -22.20 18.68 -1.14
CA ILE B 32 -21.74 17.65 -2.07
C ILE B 32 -20.22 17.60 -2.03
N VAL B 33 -19.66 16.46 -1.64
CA VAL B 33 -18.22 16.26 -1.65
C VAL B 33 -17.91 15.36 -2.84
N GLY B 34 -17.39 15.96 -3.92
CA GLY B 34 -17.08 15.18 -5.11
C GLY B 34 -15.72 14.48 -4.98
N ILE B 35 -15.69 13.22 -5.39
CA ILE B 35 -14.52 12.37 -5.23
C ILE B 35 -13.56 12.60 -6.40
N LEU B 36 -12.30 12.88 -6.08
CA LEU B 36 -11.26 13.08 -7.10
C LEU B 36 -10.08 12.19 -6.73
N ASN B 37 -9.97 11.01 -7.34
CA ASN B 37 -8.88 10.10 -7.03
C ASN B 37 -7.77 10.28 -8.07
N VAL B 38 -6.54 10.46 -7.60
CA VAL B 38 -5.42 10.70 -8.50
C VAL B 38 -4.42 9.54 -8.48
N THR B 39 -4.87 8.34 -8.09
CA THR B 39 -4.00 7.19 -8.17
C THR B 39 -3.54 7.02 -9.63
N PRO B 40 -2.24 6.91 -9.89
CA PRO B 40 -1.79 6.84 -11.27
C PRO B 40 -2.14 5.51 -11.91
N ASN B 41 -2.34 5.55 -13.23
CA ASN B 41 -2.59 4.36 -14.03
C ASN B 41 -1.58 4.24 -15.16
N SER B 42 -0.38 4.77 -14.95
CA SER B 42 0.68 4.73 -15.95
C SER B 42 2.01 4.98 -15.25
N PHE B 43 3.09 5.02 -16.04
CA PHE B 43 4.41 5.27 -15.47
C PHE B 43 5.33 6.05 -16.39
N SER B 44 4.87 6.55 -17.53
CA SER B 44 5.71 7.27 -18.47
C SER B 44 5.60 8.78 -18.25
N ASP B 45 6.44 9.53 -18.99
CA ASP B 45 6.31 10.98 -19.00
C ASP B 45 4.93 11.40 -19.47
N GLY B 46 4.47 10.83 -20.60
CA GLY B 46 3.16 11.17 -21.12
C GLY B 46 2.03 10.81 -20.18
N GLY B 47 2.09 9.60 -19.61
CA GLY B 47 1.10 9.22 -18.62
C GLY B 47 1.02 10.19 -17.46
N LYS B 48 2.17 10.68 -16.99
CA LYS B 48 2.18 11.68 -15.94
C LYS B 48 1.57 12.99 -16.42
N PHE B 49 2.01 13.49 -17.58
CA PHE B 49 1.42 14.69 -18.16
C PHE B 49 -0.08 14.54 -18.36
N LEU B 50 -0.51 13.38 -18.88
CA LEU B 50 -1.93 13.15 -19.09
C LEU B 50 -2.70 13.12 -17.77
N GLU B 51 -2.24 12.31 -16.81
CA GLU B 51 -3.02 12.14 -15.60
C GLU B 51 -3.05 13.42 -14.76
N ALA B 52 -2.01 14.24 -14.83
CA ALA B 52 -2.06 15.54 -14.15
C ALA B 52 -3.10 16.44 -14.80
N ASN B 53 -3.07 16.55 -16.13
CA ASN B 53 -4.08 17.34 -16.82
C ASN B 53 -5.47 16.73 -16.67
N ALA B 54 -5.56 15.39 -16.60
CA ALA B 54 -6.85 14.75 -16.39
C ALA B 54 -7.39 15.07 -15.00
N ALA B 55 -6.53 15.10 -13.99
CA ALA B 55 -6.98 15.45 -12.64
C ALA B 55 -7.52 16.88 -12.60
N ILE B 56 -6.89 17.80 -13.32
CA ILE B 56 -7.38 19.17 -13.34
C ILE B 56 -8.71 19.23 -14.07
N ARG B 57 -8.84 18.47 -15.16
CA ARG B 57 -10.10 18.43 -15.89
C ARG B 57 -11.22 17.83 -15.06
N HIS B 58 -10.91 16.76 -14.30
CA HIS B 58 -11.92 16.17 -13.41
C HIS B 58 -12.32 17.17 -12.34
N ALA B 59 -11.36 17.88 -11.76
CA ALA B 59 -11.68 18.90 -10.77
C ALA B 59 -12.57 19.99 -11.36
N THR B 60 -12.25 20.43 -12.58
CA THR B 60 -13.05 21.45 -13.23
C THR B 60 -14.46 20.95 -13.49
N ASP B 61 -14.60 19.67 -13.86
CA ASP B 61 -15.92 19.09 -14.08
C ASP B 61 -16.71 19.03 -12.79
N LEU B 62 -16.06 18.64 -11.69
CA LEU B 62 -16.76 18.56 -10.41
C LEU B 62 -17.25 19.92 -9.96
N ILE B 63 -16.42 20.96 -10.12
CA ILE B 63 -16.82 22.32 -9.79
C ILE B 63 -18.01 22.75 -10.65
N GLU B 64 -17.91 22.51 -11.95
CA GLU B 64 -18.93 22.95 -12.89
C GLU B 64 -20.27 22.28 -12.63
N HIS B 65 -20.26 21.03 -12.18
CA HIS B 65 -21.49 20.30 -11.99
C HIS B 65 -22.04 20.45 -10.57
N GLY B 66 -21.41 21.28 -9.74
CA GLY B 66 -21.98 21.71 -8.49
C GLY B 66 -21.39 21.18 -7.19
N ALA B 67 -20.18 20.64 -7.22
CA ALA B 67 -19.58 20.18 -5.96
C ALA B 67 -19.34 21.35 -5.01
N ASP B 68 -19.64 21.12 -3.72
CA ASP B 68 -19.27 22.04 -2.65
C ASP B 68 -17.86 21.80 -2.14
N VAL B 69 -17.42 20.54 -2.17
CA VAL B 69 -16.08 20.15 -1.74
C VAL B 69 -15.53 19.15 -2.76
N ILE B 70 -14.22 19.22 -3.02
CA ILE B 70 -13.45 18.23 -3.78
C ILE B 70 -12.58 17.46 -2.80
N ASP B 71 -12.79 16.15 -2.72
CA ASP B 71 -12.03 15.25 -1.85
C ASP B 71 -10.98 14.55 -2.70
N VAL B 72 -9.72 14.92 -2.51
CA VAL B 72 -8.62 14.43 -3.33
C VAL B 72 -7.91 13.30 -2.59
N GLY B 73 -7.77 12.17 -3.25
CA GLY B 73 -7.08 11.03 -2.67
C GLY B 73 -6.15 10.41 -3.70
N ALA B 74 -5.02 9.89 -3.22
CA ALA B 74 -3.98 9.38 -4.10
C ALA B 74 -3.72 7.91 -3.89
N GLU B 75 -4.56 7.22 -3.12
CA GLU B 75 -4.37 5.83 -2.75
C GLU B 75 -5.50 4.99 -3.35
N SER B 76 -5.14 3.97 -4.12
CA SER B 76 -6.12 3.04 -4.65
C SER B 76 -6.91 2.43 -3.50
N THR B 77 -8.24 2.43 -3.65
CA THR B 77 -9.13 1.95 -2.62
C THR B 77 -9.68 0.54 -2.93
N ALA B 78 -9.12 -0.12 -3.95
CA ALA B 78 -9.57 -1.45 -4.32
C ALA B 78 -9.25 -2.47 -3.21
N PRO B 79 -10.04 -3.55 -3.12
CA PRO B 79 -9.83 -4.54 -2.04
C PRO B 79 -8.51 -5.27 -2.17
N GLY B 80 -8.01 -5.74 -1.02
CA GLY B 80 -6.75 -6.43 -0.95
C GLY B 80 -5.51 -5.57 -1.09
N VAL B 81 -5.67 -4.26 -1.31
CA VAL B 81 -4.51 -3.40 -1.57
C VAL B 81 -3.90 -2.97 -0.24
N SER B 82 -2.58 -3.17 -0.12
CA SER B 82 -1.80 -2.76 1.03
C SER B 82 -1.43 -1.28 0.92
N PRO B 83 -1.35 -0.57 2.05
CA PRO B 83 -1.13 0.87 1.98
C PRO B 83 0.21 1.19 1.32
N ILE B 84 0.25 2.33 0.64
CA ILE B 84 1.46 2.77 -0.02
C ILE B 84 2.27 3.56 0.99
N THR B 85 3.51 3.89 0.66
CA THR B 85 4.28 4.76 1.53
C THR B 85 3.74 6.19 1.44
N GLN B 86 3.97 6.96 2.51
CA GLN B 86 3.60 8.37 2.47
C GLN B 86 4.36 9.08 1.36
N GLU B 87 5.58 8.65 1.07
CA GLU B 87 6.38 9.29 0.03
C GLU B 87 5.74 9.10 -1.34
N GLU B 88 5.28 7.88 -1.65
CA GLU B 88 4.54 7.69 -2.90
C GLU B 88 3.28 8.54 -2.93
N GLU B 89 2.55 8.58 -1.82
CA GLU B 89 1.30 9.33 -1.77
C GLU B 89 1.54 10.80 -2.09
N TRP B 90 2.58 11.40 -1.51
CA TRP B 90 2.82 12.80 -1.76
C TRP B 90 3.33 13.04 -3.18
N SER B 91 4.12 12.11 -3.73
CA SER B 91 4.57 12.28 -5.11
C SER B 91 3.41 12.28 -6.09
N ARG B 92 2.31 11.59 -5.75
CA ARG B 92 1.14 11.60 -6.62
C ARG B 92 0.36 12.91 -6.50
N LEU B 93 0.38 13.53 -5.33
CA LEU B 93 -0.41 14.72 -5.04
C LEU B 93 0.29 16.03 -5.36
N LYS B 94 1.62 16.07 -5.26
CA LYS B 94 2.29 17.36 -5.12
C LYS B 94 2.22 18.21 -6.39
N GLU B 95 2.09 17.60 -7.56
CA GLU B 95 2.00 18.39 -8.79
C GLU B 95 0.59 18.89 -9.12
N VAL B 96 -0.45 18.21 -8.63
CA VAL B 96 -1.82 18.56 -8.99
C VAL B 96 -2.56 19.25 -7.84
N LEU B 97 -2.22 18.95 -6.59
CA LEU B 97 -2.99 19.52 -5.48
C LEU B 97 -2.92 21.04 -5.41
N PRO B 98 -1.78 21.71 -5.64
CA PRO B 98 -1.82 23.18 -5.64
C PRO B 98 -2.80 23.74 -6.65
N GLU B 99 -2.82 23.20 -7.87
CA GLU B 99 -3.71 23.71 -8.90
C GLU B 99 -5.17 23.38 -8.60
N ILE B 100 -5.45 22.19 -8.05
CA ILE B 100 -6.83 21.86 -7.70
C ILE B 100 -7.35 22.83 -6.65
N ILE B 101 -6.51 23.16 -5.66
CA ILE B 101 -6.90 24.10 -4.62
C ILE B 101 -7.15 25.48 -5.20
N ARG B 102 -6.30 25.91 -6.15
CA ARG B 102 -6.44 27.23 -6.73
C ARG B 102 -7.77 27.37 -7.47
N ILE B 103 -8.10 26.43 -8.35
CA ILE B 103 -9.34 26.55 -9.11
C ILE B 103 -10.55 26.37 -8.21
N ALA B 104 -10.47 25.45 -7.24
CA ALA B 104 -11.60 25.26 -6.33
C ALA B 104 -11.83 26.52 -5.51
N HIS B 105 -10.79 27.06 -4.87
CA HIS B 105 -10.98 28.26 -4.06
C HIS B 105 -11.40 29.44 -4.92
N ASN B 106 -10.87 29.53 -6.13
CA ASN B 106 -11.31 30.57 -7.06
C ASN B 106 -12.80 30.50 -7.31
N ALA B 107 -13.40 29.32 -7.25
CA ALA B 107 -14.82 29.12 -7.45
C ALA B 107 -15.61 29.01 -6.15
N HIS B 108 -14.99 29.32 -5.00
CA HIS B 108 -15.66 29.19 -3.70
C HIS B 108 -16.06 27.73 -3.42
N VAL B 109 -15.22 26.81 -3.86
CA VAL B 109 -15.36 25.38 -3.58
C VAL B 109 -14.21 24.99 -2.66
N GLU B 110 -14.53 24.18 -1.65
CA GLU B 110 -13.51 23.75 -0.70
C GLU B 110 -12.81 22.49 -1.20
N VAL B 111 -11.70 22.16 -0.55
CA VAL B 111 -10.90 20.98 -0.88
C VAL B 111 -10.67 20.19 0.38
N SER B 112 -10.79 18.86 0.28
CA SER B 112 -10.55 17.91 1.34
C SER B 112 -9.36 17.03 0.96
N ILE B 113 -8.49 16.71 1.90
CA ILE B 113 -7.39 15.78 1.65
C ILE B 113 -7.75 14.44 2.28
N ASP B 114 -7.93 13.42 1.43
CA ASP B 114 -8.32 12.07 1.82
C ASP B 114 -7.03 11.29 2.06
N THR B 115 -6.64 11.13 3.33
CA THR B 115 -5.37 10.48 3.66
C THR B 115 -5.45 9.86 5.04
N ARG B 116 -4.65 8.81 5.25
CA ARG B 116 -4.43 8.27 6.59
C ARG B 116 -3.12 8.77 7.21
N ASN B 117 -2.31 9.53 6.47
CA ASN B 117 -0.97 9.92 6.91
C ASN B 117 -0.92 11.38 7.35
N ALA B 118 -0.48 11.60 8.59
CA ALA B 118 -0.43 12.94 9.15
C ALA B 118 0.52 13.84 8.35
N LYS B 119 1.64 13.31 7.87
CA LYS B 119 2.55 14.16 7.11
C LYS B 119 1.89 14.66 5.83
N THR B 120 1.12 13.80 5.16
CA THR B 120 0.38 14.22 3.98
C THR B 120 -0.66 15.28 4.32
N ALA B 121 -1.40 15.10 5.41
CA ALA B 121 -2.38 16.11 5.83
C ALA B 121 -1.70 17.43 6.13
N GLU B 122 -0.52 17.38 6.76
CA GLU B 122 0.19 18.60 7.12
C GLU B 122 0.60 19.37 5.86
N LEU B 123 1.16 18.67 4.88
CA LEU B 123 1.58 19.34 3.65
CA LEU B 123 1.58 19.34 3.65
C LEU B 123 0.39 19.91 2.90
N ALA B 124 -0.72 19.17 2.85
CA ALA B 124 -1.92 19.66 2.19
C ALA B 124 -2.50 20.88 2.90
N LEU B 125 -2.44 20.89 4.24
CA LEU B 125 -2.93 22.03 5.00
C LEU B 125 -2.12 23.28 4.67
N LYS B 126 -0.81 23.11 4.51
CA LYS B 126 0.05 24.23 4.13
C LYS B 126 -0.31 24.78 2.77
N LEU B 127 -0.82 23.93 1.87
CA LEU B 127 -1.26 24.36 0.55
C LEU B 127 -2.65 25.02 0.56
N GLY B 128 -3.43 24.84 1.63
CA GLY B 128 -4.71 25.51 1.77
C GLY B 128 -5.95 24.63 1.81
N VAL B 129 -5.80 23.30 2.00
CA VAL B 129 -7.02 22.48 2.00
C VAL B 129 -7.88 22.83 3.21
N ASP B 130 -9.17 22.56 3.06
CA ASP B 130 -10.18 22.97 4.02
C ASP B 130 -10.57 21.85 4.99
N TYR B 131 -10.37 20.60 4.60
CA TYR B 131 -10.71 19.47 5.44
C TYR B 131 -9.53 18.50 5.45
N ILE B 132 -9.25 17.91 6.60
CA ILE B 132 -8.54 16.65 6.66
C ILE B 132 -9.59 15.55 6.66
N ASN B 133 -9.61 14.74 5.62
CA ASN B 133 -10.51 13.58 5.58
C ASN B 133 -9.69 12.39 6.03
N ASP B 134 -9.63 12.18 7.35
CA ASP B 134 -8.79 11.13 7.95
C ASP B 134 -9.52 9.80 7.86
N GLN B 135 -9.33 9.11 6.74
CA GLN B 135 -9.97 7.80 6.65
C GLN B 135 -9.32 6.78 7.57
N GLY B 136 -8.19 7.11 8.21
CA GLY B 136 -7.59 6.20 9.17
C GLY B 136 -8.09 6.29 10.61
N GLY B 137 -8.92 7.28 10.95
CA GLY B 137 -9.41 7.44 12.31
C GLY B 137 -8.35 7.59 13.39
N LEU B 138 -7.40 8.50 13.18
CA LEU B 138 -6.31 8.77 14.12
C LEU B 138 -5.42 7.54 14.30
N LEU B 139 -5.35 6.68 13.28
CA LEU B 139 -4.38 5.59 13.27
C LEU B 139 -2.96 6.14 13.34
N ASP B 140 -2.70 7.23 12.63
CA ASP B 140 -1.43 7.91 12.72
C ASP B 140 -1.36 8.70 14.03
N PRO B 141 -0.42 8.39 14.93
CA PRO B 141 -0.39 9.08 16.22
C PRO B 141 -0.13 10.57 16.13
N ASP B 142 0.36 11.06 14.99
CA ASP B 142 0.62 12.47 14.76
C ASP B 142 -0.58 13.23 14.21
N MET B 143 -1.64 12.53 13.80
CA MET B 143 -2.77 13.23 13.21
C MET B 143 -3.40 14.25 14.16
N PRO B 144 -3.65 13.96 15.45
CA PRO B 144 -4.25 14.99 16.31
C PRO B 144 -3.41 16.26 16.41
N ALA B 145 -2.08 16.09 16.53
CA ALA B 145 -1.18 17.25 16.62
C ALA B 145 -1.19 18.08 15.34
N ILE B 146 -1.22 17.41 14.18
CA ILE B 146 -1.32 18.13 12.91
C ILE B 146 -2.64 18.90 12.85
N ALA B 147 -3.75 18.26 13.23
CA ALA B 147 -5.03 18.95 13.21
C ALA B 147 -5.03 20.13 14.19
N ALA B 148 -4.38 19.95 15.35
CA ALA B 148 -4.37 20.97 16.39
C ALA B 148 -3.68 22.25 15.94
N ALA B 149 -2.68 22.16 15.06
CA ALA B 149 -1.96 23.31 14.55
C ALA B 149 -2.68 24.00 13.40
N SER B 150 -3.92 23.60 13.09
CA SER B 150 -4.67 24.13 11.97
C SER B 150 -6.07 24.58 12.41
N SER B 151 -6.73 25.39 11.56
CA SER B 151 -8.13 25.72 11.79
C SER B 151 -9.04 24.94 10.85
N ALA B 152 -8.47 24.03 10.06
CA ALA B 152 -9.28 23.28 9.12
C ALA B 152 -10.16 22.29 9.88
N LYS B 153 -11.25 21.88 9.23
CA LYS B 153 -12.11 20.84 9.75
C LYS B 153 -11.46 19.47 9.55
N ILE B 154 -11.86 18.52 10.39
CA ILE B 154 -11.31 17.17 10.29
C ILE B 154 -12.49 16.18 10.33
N ILE B 155 -12.52 15.29 9.36
CA ILE B 155 -13.48 14.19 9.32
C ILE B 155 -12.82 12.96 9.94
N ILE B 156 -13.53 12.33 10.87
CA ILE B 156 -13.10 11.08 11.47
C ILE B 156 -14.00 9.96 10.95
N MET B 157 -13.39 8.93 10.38
CA MET B 157 -14.12 7.84 9.74
C MET B 157 -13.87 6.55 10.51
N HIS B 158 -14.96 5.85 10.82
CA HIS B 158 -14.92 4.56 11.49
C HIS B 158 -14.48 3.44 10.55
N HIS B 159 -13.75 2.48 11.11
CA HIS B 159 -13.55 1.22 10.41
C HIS B 159 -13.47 0.12 11.44
N PHE B 160 -13.84 -1.09 11.03
CA PHE B 160 -13.57 -2.27 11.84
C PHE B 160 -12.27 -2.88 11.37
N GLY B 161 -11.58 -3.56 12.28
CA GLY B 161 -10.39 -4.29 11.89
C GLY B 161 -10.73 -5.36 10.88
N LEU B 162 -9.76 -5.65 10.00
CA LEU B 162 -9.94 -6.69 8.99
C LEU B 162 -10.41 -8.02 9.55
N PRO B 163 -9.97 -8.50 10.74
CA PRO B 163 -10.43 -9.83 11.18
C PRO B 163 -11.93 -9.93 11.48
N VAL B 164 -12.56 -8.90 12.03
CA VAL B 164 -14.00 -8.93 12.32
C VAL B 164 -14.84 -8.43 11.14
N SER B 165 -14.30 -8.49 9.92
CA SER B 165 -14.99 -7.88 8.78
C SER B 165 -16.17 -8.71 8.31
N GLN B 166 -15.92 -9.96 7.90
CA GLN B 166 -16.97 -10.89 7.49
C GLN B 166 -17.86 -11.33 8.65
N ASP B 167 -17.55 -10.91 9.87
CA ASP B 167 -18.32 -11.28 11.05
C ASP B 167 -19.74 -10.74 10.96
N ARG B 168 -20.71 -11.57 11.34
CA ARG B 168 -22.12 -11.24 11.19
C ARG B 168 -22.82 -11.03 12.53
N SER B 169 -22.07 -10.64 13.57
CA SER B 169 -22.65 -10.56 14.92
C SER B 169 -23.69 -9.45 15.04
N TYR B 170 -23.58 -8.38 14.26
CA TYR B 170 -24.56 -7.31 14.34
C TYR B 170 -25.74 -7.49 13.40
N VAL B 171 -25.79 -8.55 12.59
CA VAL B 171 -26.96 -8.77 11.75
C VAL B 171 -28.17 -8.94 12.64
N GLY B 172 -29.25 -8.22 12.32
CA GLY B 172 -30.42 -8.22 13.18
C GLY B 172 -30.31 -7.29 14.37
N GLN B 173 -29.15 -6.65 14.57
CA GLN B 173 -28.89 -5.79 15.71
C GLN B 173 -28.43 -4.41 15.24
N PRO B 174 -29.24 -3.69 14.48
CA PRO B 174 -28.79 -2.38 13.98
C PRO B 174 -28.48 -1.40 15.10
N GLU B 175 -29.30 -1.38 16.16
CA GLU B 175 -29.03 -0.43 17.24
C GLU B 175 -27.67 -0.69 17.89
N GLN B 176 -27.34 -1.96 18.14
CA GLN B 176 -26.05 -2.27 18.77
C GLN B 176 -24.88 -1.96 17.83
N LEU B 177 -25.06 -2.15 16.53
CA LEU B 177 -24.01 -1.77 15.57
C LEU B 177 -23.72 -0.28 15.67
N LEU B 178 -24.76 0.53 15.74
CA LEU B 178 -24.58 1.98 15.83
C LEU B 178 -23.91 2.38 17.13
N ASN B 179 -24.26 1.71 18.24
CA ASN B 179 -23.61 2.02 19.52
C ASN B 179 -22.12 1.78 19.47
N GLU B 180 -21.70 0.68 18.83
CA GLU B 180 -20.28 0.36 18.73
C GLU B 180 -19.54 1.40 17.91
N ILE B 181 -20.11 1.79 16.76
CA ILE B 181 -19.51 2.80 15.91
C ILE B 181 -19.43 4.14 16.65
N ILE B 182 -20.50 4.48 17.37
CA ILE B 182 -20.56 5.75 18.09
C ILE B 182 -19.51 5.80 19.20
N GLU B 183 -19.33 4.71 19.94
CA GLU B 183 -18.32 4.69 20.99
C GLU B 183 -16.91 4.82 20.42
N TRP B 184 -16.64 4.12 19.33
CA TRP B 184 -15.34 4.18 18.67
C TRP B 184 -15.04 5.60 18.20
N LEU B 185 -16.03 6.23 17.54
CA LEU B 185 -15.87 7.60 17.10
C LEU B 185 -15.64 8.54 18.27
N CYS B 186 -16.37 8.33 19.37
CA CYS B 186 -16.22 9.22 20.53
C CYS B 186 -14.82 9.10 21.15
N SER B 187 -14.20 7.91 21.10
CA SER B 187 -12.81 7.81 21.57
C SER B 187 -11.90 8.75 20.80
N ARG B 188 -12.13 8.86 19.49
CA ARG B 188 -11.31 9.74 18.66
C ARG B 188 -11.65 11.20 18.91
N VAL B 189 -12.94 11.51 19.07
CA VAL B 189 -13.34 12.87 19.48
C VAL B 189 -12.59 13.27 20.74
N ASP B 190 -12.56 12.35 21.71
CA ASP B 190 -11.89 12.63 22.98
C ASP B 190 -10.41 12.93 22.78
N THR B 191 -9.74 12.15 21.93
CA THR B 191 -8.32 12.39 21.66
C THR B 191 -8.12 13.77 21.04
N LEU B 192 -8.93 14.11 20.04
CA LEU B 192 -8.80 15.39 19.36
C LEU B 192 -9.02 16.55 20.31
N ILE B 193 -10.09 16.49 21.10
CA ILE B 193 -10.39 17.57 22.04
C ILE B 193 -9.26 17.71 23.06
N ALA B 194 -8.75 16.58 23.53
CA ALA B 194 -7.66 16.61 24.49
C ALA B 194 -6.40 17.27 23.91
N GLN B 195 -6.20 17.19 22.59
CA GLN B 195 -5.00 17.78 22.00
C GLN B 195 -5.23 19.18 21.44
N GLY B 196 -6.39 19.78 21.67
CA GLY B 196 -6.64 21.16 21.32
C GLY B 196 -7.46 21.39 20.07
N VAL B 197 -8.10 20.36 19.53
CA VAL B 197 -9.01 20.52 18.41
C VAL B 197 -10.38 20.88 18.98
N VAL B 198 -10.92 22.03 18.57
CA VAL B 198 -12.22 22.43 19.09
C VAL B 198 -13.33 21.54 18.52
N ARG B 199 -14.36 21.36 19.33
CA ARG B 199 -15.43 20.43 19.02
C ARG B 199 -16.15 20.82 17.72
N GLU B 200 -16.25 22.12 17.45
CA GLU B 200 -16.89 22.65 16.25
C GLU B 200 -16.19 22.26 14.96
N ARG B 201 -14.93 21.84 15.00
CA ARG B 201 -14.22 21.49 13.77
C ARG B 201 -14.33 20.00 13.41
N ILE B 202 -15.02 19.18 14.21
CA ILE B 202 -14.99 17.73 14.04
C ILE B 202 -16.24 17.26 13.28
N ILE B 203 -16.03 16.39 12.30
CA ILE B 203 -17.09 15.81 11.49
C ILE B 203 -16.97 14.29 11.60
N LEU B 204 -18.10 13.60 11.78
CA LEU B 204 -18.08 12.16 12.01
C LEU B 204 -18.61 11.41 10.78
N ASP B 205 -17.93 10.33 10.43
CA ASP B 205 -18.31 9.54 9.26
C ASP B 205 -18.37 8.08 9.68
N PRO B 206 -19.51 7.40 9.53
CA PRO B 206 -19.61 6.02 10.00
C PRO B 206 -18.85 5.02 9.15
N GLY B 207 -18.27 5.42 8.01
CA GLY B 207 -17.46 4.54 7.21
C GLY B 207 -18.18 3.35 6.58
N LEU B 208 -19.17 3.61 5.74
CA LEU B 208 -19.84 2.53 5.04
C LEU B 208 -18.84 1.70 4.25
N GLY B 209 -18.98 0.37 4.35
CA GLY B 209 -18.13 -0.58 3.67
C GLY B 209 -16.81 -0.94 4.33
N PHE B 210 -16.27 -0.09 5.21
CA PHE B 210 -14.93 -0.30 5.76
C PHE B 210 -14.95 -1.33 6.88
N GLY B 211 -14.70 -2.58 6.49
CA GLY B 211 -14.85 -3.70 7.39
C GLY B 211 -16.30 -4.00 7.72
N LYS B 212 -17.22 -3.64 6.81
CA LYS B 212 -18.65 -3.73 7.09
C LYS B 212 -19.40 -4.50 6.00
N LEU B 213 -20.18 -5.47 6.44
CA LEU B 213 -21.00 -6.22 5.51
C LEU B 213 -21.94 -5.25 4.80
N PRO B 214 -22.39 -5.58 3.60
CA PRO B 214 -23.37 -4.71 2.91
C PRO B 214 -24.57 -4.40 3.79
N GLU B 215 -25.08 -5.41 4.50
CA GLU B 215 -26.21 -5.22 5.40
C GLU B 215 -25.96 -4.11 6.42
N TYR B 216 -24.73 -4.04 6.96
CA TYR B 216 -24.43 -3.03 7.98
C TYR B 216 -24.49 -1.63 7.40
N SER B 217 -24.09 -1.47 6.15
CA SER B 217 -24.14 -0.14 5.56
C SER B 217 -25.57 0.36 5.47
N TRP B 218 -26.52 -0.53 5.18
CA TRP B 218 -27.91 -0.12 5.16
C TRP B 218 -28.42 0.20 6.56
N TYR B 219 -28.03 -0.60 7.57
CA TYR B 219 -28.39 -0.30 8.94
C TYR B 219 -27.95 1.10 9.33
N ILE B 220 -26.72 1.45 8.94
CA ILE B 220 -26.16 2.76 9.29
C ILE B 220 -26.95 3.86 8.59
N ALA B 221 -27.15 3.72 7.29
CA ALA B 221 -27.92 4.70 6.53
C ALA B 221 -29.31 4.87 7.14
N LYS B 222 -30.01 3.77 7.41
CA LYS B 222 -31.36 3.84 7.97
C LYS B 222 -31.36 4.50 9.35
N ASN B 223 -30.31 4.32 10.13
CA ASN B 223 -30.26 4.84 11.49
C ASN B 223 -29.33 6.04 11.64
N ILE B 224 -29.11 6.80 10.56
CA ILE B 224 -28.13 7.87 10.63
C ILE B 224 -28.55 8.97 11.61
N GLY B 225 -29.85 9.10 11.89
CA GLY B 225 -30.30 10.05 12.90
C GLY B 225 -29.69 9.78 14.26
N LYS B 226 -29.45 8.51 14.57
CA LYS B 226 -28.82 8.15 15.84
C LYS B 226 -27.40 8.71 15.92
N LEU B 227 -26.68 8.73 14.79
CA LEU B 227 -25.36 9.37 14.77
C LEU B 227 -25.46 10.88 14.87
N LYS B 228 -26.44 11.48 14.15
CA LYS B 228 -26.58 12.93 14.19
C LYS B 228 -26.91 13.44 15.59
N LYS B 229 -27.55 12.62 16.43
CA LYS B 229 -27.95 13.09 17.76
C LYS B 229 -26.77 13.44 18.65
N LEU B 230 -25.53 13.07 18.27
CA LEU B 230 -24.36 13.47 19.04
C LEU B 230 -24.05 14.94 18.92
N GLY B 231 -24.59 15.62 17.91
CA GLY B 231 -24.38 17.03 17.73
C GLY B 231 -23.25 17.39 16.80
N PHE B 232 -22.52 16.38 16.24
CA PHE B 232 -21.49 16.72 15.26
C PHE B 232 -22.08 16.62 13.86
N PRO B 233 -21.55 17.40 12.92
CA PRO B 233 -21.89 17.16 11.51
C PRO B 233 -21.47 15.76 11.11
N VAL B 234 -22.22 15.16 10.20
CA VAL B 234 -22.02 13.79 9.77
C VAL B 234 -21.73 13.79 8.29
N CYS B 235 -20.74 13.00 7.89
CA CYS B 235 -20.43 12.74 6.49
C CYS B 235 -20.74 11.27 6.20
N VAL B 236 -21.39 11.02 5.06
CA VAL B 236 -21.65 9.65 4.61
C VAL B 236 -21.09 9.48 3.21
N GLY B 237 -20.33 8.40 3.01
CA GLY B 237 -19.78 8.03 1.72
C GLY B 237 -20.36 6.72 1.24
N HIS B 238 -21.54 6.79 0.61
CA HIS B 238 -22.26 5.61 0.14
C HIS B 238 -22.03 5.33 -1.35
N SER B 239 -21.40 6.26 -2.07
CA SER B 239 -21.41 6.23 -3.52
C SER B 239 -20.75 4.96 -4.05
N ARG B 240 -21.52 4.18 -4.82
CA ARG B 240 -21.02 2.99 -5.51
C ARG B 240 -20.53 1.90 -4.57
N LYS B 241 -20.88 1.98 -3.28
CA LYS B 241 -20.37 1.02 -2.33
C LYS B 241 -21.04 -0.35 -2.49
N SER B 242 -20.36 -1.37 -1.96
CA SER B 242 -20.86 -2.75 -2.08
C SER B 242 -22.23 -2.95 -1.45
N MET B 243 -22.71 -2.00 -0.64
CA MET B 243 -24.07 -2.09 -0.12
C MET B 243 -25.09 -2.26 -1.24
N PHE B 244 -24.81 -1.72 -2.43
CA PHE B 244 -25.77 -1.83 -3.54
C PHE B 244 -25.74 -3.19 -4.21
N SER B 245 -24.81 -4.07 -3.84
CA SER B 245 -24.85 -5.42 -4.36
C SER B 245 -26.08 -6.19 -3.88
N LEU B 246 -26.72 -5.74 -2.80
CA LEU B 246 -27.89 -6.41 -2.23
C LEU B 246 -29.19 -6.12 -3.00
N ILE B 247 -29.21 -5.17 -3.92
CA ILE B 247 -30.48 -4.74 -4.50
CA ILE B 247 -30.47 -4.73 -4.52
C ILE B 247 -31.08 -5.85 -5.36
N PRO B 248 -30.36 -6.42 -6.34
CA PRO B 248 -29.01 -6.22 -6.88
C PRO B 248 -29.03 -5.37 -8.15
N VAL B 249 -27.95 -4.63 -8.41
CA VAL B 249 -27.72 -3.94 -9.68
C VAL B 249 -26.30 -4.25 -10.11
N GLU B 250 -26.02 -4.09 -11.40
CA GLU B 250 -24.68 -4.40 -11.89
C GLU B 250 -23.64 -3.43 -11.32
N LEU B 251 -22.40 -3.92 -11.22
CA LEU B 251 -21.34 -3.14 -10.58
C LEU B 251 -21.19 -1.76 -11.22
N SER B 252 -21.28 -1.69 -12.55
CA SER B 252 -21.14 -0.47 -13.33
C SER B 252 -22.35 0.45 -13.27
N GLU B 253 -23.47 -0.02 -12.70
CA GLU B 253 -24.74 0.70 -12.73
C GLU B 253 -25.15 1.24 -11.36
N ARG B 254 -24.19 1.62 -10.53
CA ARG B 254 -24.52 1.97 -9.15
C ARG B 254 -24.76 3.46 -8.92
N ASP B 255 -24.47 4.33 -9.89
CA ASP B 255 -24.65 5.77 -9.64
C ASP B 255 -26.11 6.14 -9.45
N VAL B 256 -27.01 5.52 -10.19
CA VAL B 256 -28.43 5.82 -10.06
C VAL B 256 -28.97 5.36 -8.71
N PRO B 257 -28.77 4.10 -8.30
CA PRO B 257 -29.16 3.71 -6.94
C PRO B 257 -28.52 4.58 -5.86
N THR B 258 -27.25 4.98 -6.05
CA THR B 258 -26.60 5.90 -5.11
C THR B 258 -27.40 7.19 -4.97
N ALA B 259 -27.86 7.75 -6.10
CA ALA B 259 -28.63 8.99 -6.03
C ALA B 259 -29.98 8.79 -5.34
N MET B 260 -30.61 7.63 -5.50
CA MET B 260 -31.85 7.36 -4.77
C MET B 260 -31.63 7.39 -3.27
N LEU B 261 -30.52 6.78 -2.81
CA LEU B 261 -30.19 6.82 -1.40
C LEU B 261 -29.73 8.22 -0.96
N SER B 262 -29.02 8.94 -1.82
CA SER B 262 -28.65 10.33 -1.52
C SER B 262 -29.87 11.18 -1.16
N THR B 263 -30.97 11.01 -1.90
CA THR B 263 -32.19 11.78 -1.59
C THR B 263 -32.65 11.50 -0.17
N PHE B 264 -32.64 10.21 0.23
CA PHE B 264 -33.02 9.86 1.59
C PHE B 264 -32.06 10.46 2.60
N LEU B 265 -30.75 10.32 2.36
CA LEU B 265 -29.76 10.85 3.30
C LEU B 265 -29.88 12.36 3.46
N ALA B 266 -30.11 13.09 2.36
CA ALA B 266 -30.31 14.54 2.47
C ALA B 266 -31.54 14.88 3.33
N GLN B 267 -32.62 14.09 3.21
CA GLN B 267 -33.80 14.32 4.05
C GLN B 267 -33.49 14.13 5.52
N GLN B 268 -32.57 13.23 5.84
CA GLN B 268 -32.13 13.04 7.22
C GLN B 268 -31.18 14.13 7.68
N GLN B 269 -30.94 15.15 6.85
CA GLN B 269 -30.04 16.26 7.18
C GLN B 269 -28.58 15.80 7.35
N VAL B 270 -28.15 14.78 6.60
CA VAL B 270 -26.72 14.44 6.59
C VAL B 270 -25.93 15.61 6.01
N ASP B 271 -24.84 15.99 6.69
CA ASP B 271 -24.20 17.27 6.38
C ASP B 271 -23.29 17.19 5.15
N PHE B 272 -22.73 16.03 4.86
CA PHE B 272 -21.83 15.88 3.71
C PHE B 272 -22.12 14.55 3.02
N LEU B 273 -22.18 14.56 1.70
CA LEU B 273 -22.28 13.32 0.93
C LEU B 273 -21.08 13.24 0.01
N ARG B 274 -20.29 12.15 0.16
CA ARG B 274 -19.10 11.93 -0.64
C ARG B 274 -19.46 11.02 -1.80
N VAL B 275 -19.46 11.57 -3.02
CA VAL B 275 -20.10 10.94 -4.15
C VAL B 275 -19.21 11.05 -5.37
N HIS B 276 -19.40 10.11 -6.31
CA HIS B 276 -18.75 10.17 -7.61
C HIS B 276 -19.49 11.10 -8.58
N ASP B 277 -20.83 10.96 -8.67
CA ASP B 277 -21.63 11.71 -9.63
C ASP B 277 -22.27 12.92 -8.94
N VAL B 278 -21.65 14.09 -9.10
CA VAL B 278 -22.13 15.27 -8.39
C VAL B 278 -23.40 15.83 -9.03
N LYS B 279 -23.55 15.71 -10.36
CA LYS B 279 -24.79 16.17 -11.01
C LYS B 279 -26.01 15.41 -10.49
N LEU B 280 -25.95 14.08 -10.45
CA LEU B 280 -27.08 13.32 -9.90
C LEU B 280 -27.31 13.66 -8.44
N THR B 281 -26.22 13.87 -7.70
CA THR B 281 -26.35 14.20 -6.28
C THR B 281 -27.01 15.57 -6.10
N GLY B 282 -26.70 16.53 -6.98
CA GLY B 282 -27.37 17.83 -6.92
C GLY B 282 -28.87 17.70 -7.12
N ILE B 283 -29.29 16.82 -8.03
CA ILE B 283 -30.71 16.56 -8.22
C ILE B 283 -31.30 15.93 -6.97
N SER B 284 -30.58 14.95 -6.38
CA SER B 284 -31.10 14.26 -5.20
CA SER B 284 -31.08 14.26 -5.19
C SER B 284 -31.37 15.23 -4.07
N ILE B 285 -30.51 16.24 -3.90
CA ILE B 285 -30.65 17.19 -2.82
C ILE B 285 -31.78 18.19 -3.08
N LYS B 286 -31.92 18.65 -4.33
CA LYS B 286 -33.05 19.51 -4.68
C LYS B 286 -34.37 18.79 -4.46
N ILE B 287 -34.43 17.49 -4.78
CA ILE B 287 -35.63 16.71 -4.53
C ILE B 287 -35.88 16.58 -3.04
N ALA B 288 -34.83 16.27 -2.27
CA ALA B 288 -34.93 16.20 -0.83
C ALA B 288 -35.44 17.51 -0.24
N ASN B 289 -34.95 18.65 -0.77
CA ASN B 289 -35.40 19.97 -0.32
C ASN B 289 -36.90 20.12 -0.48
N LEU B 290 -37.46 19.57 -1.56
CA LEU B 290 -38.89 19.68 -1.80
C LEU B 290 -39.71 18.68 -0.98
N LEU B 291 -39.06 17.72 -0.33
CA LEU B 291 -39.72 16.73 0.49
C LEU B 291 -39.53 16.94 1.99
N VAL B 292 -38.73 17.92 2.40
CA VAL B 292 -38.56 18.22 3.83
C VAL B 292 -39.55 19.29 4.25
N5 PMM C . 16.78 -6.57 -5.36
C6 PMM C . 16.51 -6.71 -6.67
C7 PMM C . 15.60 -7.64 -7.12
N8 PMM C . 14.91 -8.46 -6.32
N1 PMM C . 14.48 -9.19 -4.20
C2 PMM C . 14.69 -9.10 -2.90
N2 PMM C . 14.02 -9.90 -2.06
N3 PMM C . 15.57 -8.22 -2.34
C4 PMM C . 16.33 -7.31 -3.04
O4 PMM C . 17.09 -6.53 -2.46
C4A PMM C . 16.12 -7.37 -4.50
C8A PMM C . 15.19 -8.32 -5.02
C9 PMM C . 17.23 -5.73 -7.59
O10 PMM C . 18.62 -6.08 -7.65
PA PMM C . 19.29 -6.74 -8.97
O1P PMM C . 20.80 -6.73 -8.68
O2P PMM C . 19.06 -5.78 -10.13
O3P PMM C . 18.74 -8.10 -9.21
C1 CIT D . 20.26 0.02 -6.00
O1 CIT D . 21.17 -0.38 -6.79
O2 CIT D . 20.50 1.01 -5.29
C2 CIT D . 18.91 -0.66 -5.86
C3 CIT D . 18.17 -0.90 -7.17
O7 CIT D . 16.89 -1.46 -6.82
C4 CIT D . 18.91 -1.87 -8.10
C5 CIT D . 17.91 -2.51 -9.02
O3 CIT D . 18.27 -3.26 -9.97
O4 CIT D . 16.69 -2.29 -8.85
C6 CIT D . 17.97 0.44 -7.85
O5 CIT D . 18.84 0.89 -8.63
O6 CIT D . 16.96 1.12 -7.60
C ACT E . 22.78 -27.29 -0.22
O ACT E . 23.72 -26.87 -0.96
OXT ACT E . 21.83 -26.63 0.28
CH3 ACT E . 22.80 -28.80 0.14
NA NA F . 15.16 -29.24 -2.20
N5 PMM G . -14.72 5.96 1.27
C6 PMM G . -13.61 5.86 0.50
C7 PMM G . -12.57 6.78 0.64
N8 PMM G . -12.57 7.80 1.50
N1 PMM G . -13.68 8.96 3.13
C2 PMM G . -14.75 9.12 3.91
N2 PMM G . -14.78 10.10 4.81
N3 PMM G . -15.84 8.28 3.86
C4 PMM G . -15.97 7.18 3.04
O4 PMM G . -16.97 6.48 3.09
C4A PMM G . -14.80 6.97 2.15
C8A PMM G . -13.68 7.90 2.25
C9 PMM G . -13.54 4.67 -0.40
O10 PMM G . -14.46 4.83 -1.50
PA PMM G . -14.02 5.10 -3.03
O1P PMM G . -13.29 3.84 -3.51
O2P PMM G . -15.32 5.18 -3.83
O3P PMM G . -13.17 6.35 -3.15
C1 EDO H . -7.87 25.43 16.31
C1 EDO H . -7.42 25.24 16.44
O1 EDO H . -8.04 26.78 15.85
O1 EDO H . -6.39 24.25 16.52
C2 EDO H . -8.85 25.14 17.43
C2 EDO H . -8.49 24.97 17.51
O2 EDO H . -9.21 23.75 17.45
O2 EDO H . -9.19 23.75 17.20
NA NA I . -8.77 -9.12 -3.58
NA NA J . -11.70 10.27 -9.84
NA NA K . -13.27 13.02 -10.96
NA NA L . -25.81 -12.40 16.58
#